data_1KL5
#
_entry.id   1KL5
#
_cell.length_a   58.394
_cell.length_b   86.581
_cell.length_c   47.235
_cell.angle_alpha   90.00
_cell.angle_beta   99.10
_cell.angle_gamma   90.00
#
_symmetry.space_group_name_H-M   'P 1 21 1'
#
loop_
_entity.id
_entity.type
_entity.pdbx_description
1 polymer streptavidin
2 polymer 'strep-tag II'
3 water water
#
loop_
_entity_poly.entity_id
_entity_poly.type
_entity_poly.pdbx_seq_one_letter_code
_entity_poly.pdbx_strand_id
1 'polypeptide(L)'
;MEAGITGTWYNQLGSTFIVTAGADGALTGTYIGARGNAESRYVLTGRYDSAPATDGSGTALGWTVAWKNNYRNAHSATTW
SGQYVGGAEARINTQWLLTSGTTEANAWKSTLVGHDTFTKVKPSAAS
;
A,B,C,D
2 'polypeptide(L)' NWSHPQFEK E,F,G,H
#
# COMPACT_ATOMS: atom_id res chain seq x y z
N GLY A 4 -26.98 6.34 3.68
CA GLY A 4 -26.82 5.46 2.48
C GLY A 4 -25.82 4.33 2.70
N ILE A 5 -24.98 4.51 3.71
CA ILE A 5 -23.99 3.51 4.04
C ILE A 5 -24.58 2.24 4.62
N THR A 6 -25.53 2.40 5.52
CA THR A 6 -26.20 1.30 6.17
C THR A 6 -26.82 0.34 5.20
N GLY A 7 -26.55 -0.95 5.36
CA GLY A 7 -27.13 -1.97 4.51
C GLY A 7 -26.27 -3.14 4.23
N THR A 8 -26.62 -3.92 3.20
CA THR A 8 -25.83 -5.10 2.80
C THR A 8 -25.09 -4.87 1.50
N TRP A 9 -23.76 -5.06 1.58
CA TRP A 9 -22.87 -4.78 0.47
C TRP A 9 -22.15 -6.06 0.11
N TYR A 10 -21.67 -6.15 -1.13
CA TYR A 10 -20.92 -7.29 -1.66
C TYR A 10 -19.77 -6.83 -2.49
N ASN A 11 -18.67 -7.51 -2.24
CA ASN A 11 -17.43 -7.22 -2.96
C ASN A 11 -17.36 -8.13 -4.18
N GLN A 12 -16.33 -7.91 -4.98
CA GLN A 12 -16.25 -8.62 -6.25
C GLN A 12 -16.09 -10.12 -6.10
N LEU A 13 -15.66 -10.57 -4.93
CA LEU A 13 -15.46 -11.97 -4.71
C LEU A 13 -16.63 -12.60 -4.00
N GLY A 14 -17.70 -11.87 -3.78
CA GLY A 14 -18.83 -12.54 -3.18
C GLY A 14 -18.93 -12.50 -1.68
N SER A 15 -18.00 -11.83 -1.00
CA SER A 15 -18.13 -11.67 0.43
C SER A 15 -19.21 -10.66 0.66
N THR A 16 -19.83 -10.75 1.83
CA THR A 16 -20.90 -9.89 2.28
C THR A 16 -20.46 -9.02 3.46
N PHE A 17 -20.78 -7.73 3.40
CA PHE A 17 -20.40 -6.73 4.37
C PHE A 17 -21.80 -6.20 4.80
N ILE A 18 -22.21 -6.52 6.03
CA ILE A 18 -23.42 -6.02 6.66
C ILE A 18 -23.08 -4.89 7.62
N VAL A 19 -23.46 -3.66 7.28
CA VAL A 19 -23.09 -2.55 8.15
C VAL A 19 -24.18 -1.58 8.59
N THR A 20 -24.02 -1.04 9.79
CA THR A 20 -24.89 -0.02 10.34
C THR A 20 -24.03 1.16 10.68
N ALA A 21 -24.42 2.27 10.10
CA ALA A 21 -23.73 3.56 10.27
C ALA A 21 -24.54 4.38 11.31
N GLY A 22 -23.94 4.64 12.45
CA GLY A 22 -24.50 5.32 13.60
C GLY A 22 -24.47 6.80 13.43
N ALA A 23 -25.36 7.48 14.15
CA ALA A 23 -25.37 8.93 14.06
C ALA A 23 -24.06 9.56 14.52
N ASP A 24 -23.34 8.93 15.42
CA ASP A 24 -22.11 9.49 15.95
C ASP A 24 -20.84 9.13 15.15
N GLY A 25 -20.98 8.51 14.00
CA GLY A 25 -19.82 8.18 13.18
C GLY A 25 -19.35 6.76 13.36
N ALA A 26 -20.06 5.98 14.16
CA ALA A 26 -19.65 4.60 14.28
C ALA A 26 -20.17 3.71 13.20
N LEU A 27 -19.34 2.73 12.86
CA LEU A 27 -19.77 1.65 11.98
C LEU A 27 -19.69 0.33 12.73
N THR A 28 -20.76 -0.47 12.67
CA THR A 28 -20.70 -1.75 13.36
C THR A 28 -21.34 -2.77 12.41
N GLY A 29 -21.04 -4.05 12.52
CA GLY A 29 -21.73 -4.99 11.66
C GLY A 29 -20.94 -6.28 11.64
N THR A 30 -21.20 -6.99 10.55
CA THR A 30 -20.70 -8.35 10.29
C THR A 30 -20.13 -8.53 8.88
N TYR A 31 -19.03 -9.27 8.80
CA TYR A 31 -18.37 -9.58 7.54
C TYR A 31 -18.64 -11.08 7.40
N ILE A 32 -19.08 -11.46 6.22
CA ILE A 32 -19.33 -12.88 5.91
C ILE A 32 -18.52 -13.27 4.67
N GLY A 33 -17.60 -14.22 4.81
CA GLY A 33 -16.82 -14.69 3.69
C GLY A 33 -17.75 -15.39 2.70
N ALA A 34 -17.21 -15.56 1.49
CA ALA A 34 -17.94 -16.11 0.34
C ALA A 34 -18.66 -17.42 0.58
N ARG A 35 -18.05 -18.26 1.41
CA ARG A 35 -18.65 -19.54 1.73
C ARG A 35 -20.05 -19.36 2.33
N GLY A 36 -20.24 -18.31 3.13
CA GLY A 36 -21.57 -17.97 3.64
C GLY A 36 -22.16 -18.64 4.87
N ASN A 37 -21.43 -19.57 5.45
CA ASN A 37 -21.83 -20.32 6.63
C ASN A 37 -21.52 -19.63 7.97
N ALA A 38 -21.99 -20.24 9.06
CA ALA A 38 -21.78 -19.65 10.39
C ALA A 38 -20.30 -19.45 10.69
N GLU A 39 -19.49 -20.39 10.26
CA GLU A 39 -18.06 -20.32 10.55
C GLU A 39 -17.41 -19.21 9.77
N SER A 40 -18.14 -18.58 8.83
CA SER A 40 -17.47 -17.58 7.98
C SER A 40 -17.86 -16.14 8.43
N ARG A 41 -18.50 -16.06 9.56
CA ARG A 41 -18.94 -14.75 10.09
C ARG A 41 -18.00 -14.14 11.11
N TYR A 42 -17.72 -12.85 10.95
CA TYR A 42 -16.79 -12.12 11.82
C TYR A 42 -17.31 -10.68 12.13
N VAL A 43 -16.96 -10.16 13.27
CA VAL A 43 -17.41 -8.83 13.73
C VAL A 43 -16.56 -7.75 13.08
N LEU A 44 -17.17 -6.63 12.71
CA LEU A 44 -16.36 -5.57 12.17
C LEU A 44 -16.71 -4.33 12.94
N THR A 45 -15.79 -3.39 13.04
CA THR A 45 -16.12 -2.12 13.64
C THR A 45 -15.32 -1.04 12.89
N GLY A 46 -15.88 0.16 12.80
CA GLY A 46 -15.12 1.22 12.12
C GLY A 46 -15.70 2.58 12.42
N ARG A 47 -15.36 3.54 11.59
CA ARG A 47 -15.77 4.93 11.75
C ARG A 47 -15.97 5.54 10.35
N TYR A 48 -16.83 6.56 10.26
CA TYR A 48 -17.05 7.21 9.00
C TYR A 48 -17.32 8.71 9.30
N ASP A 49 -17.18 9.51 8.26
CA ASP A 49 -17.42 10.95 8.35
C ASP A 49 -18.93 11.15 8.30
N SER A 50 -19.50 11.54 9.44
CA SER A 50 -20.94 11.74 9.56
C SER A 50 -21.44 13.09 9.09
N ALA A 51 -20.56 13.95 8.56
CA ALA A 51 -20.99 15.26 8.01
C ALA A 51 -20.06 15.51 6.84
N PRO A 52 -20.21 14.76 5.75
CA PRO A 52 -19.35 14.88 4.58
C PRO A 52 -19.64 16.20 3.87
N ALA A 53 -18.75 16.57 2.95
CA ALA A 53 -18.81 17.82 2.21
C ALA A 53 -19.94 17.73 1.21
N THR A 54 -20.49 18.90 0.89
CA THR A 54 -21.61 18.92 -0.03
C THR A 54 -21.20 19.31 -1.43
N ASP A 55 -19.92 19.25 -1.76
CA ASP A 55 -19.39 19.55 -3.10
C ASP A 55 -19.30 18.39 -4.07
N GLY A 56 -19.99 17.29 -3.81
CA GLY A 56 -19.95 16.14 -4.67
C GLY A 56 -18.73 15.25 -4.37
N SER A 57 -18.13 15.35 -3.19
CA SER A 57 -17.09 14.43 -2.75
C SER A 57 -17.69 13.21 -2.05
N GLY A 58 -16.95 12.10 -2.01
CA GLY A 58 -17.36 10.91 -1.31
C GLY A 58 -17.25 10.99 0.22
N THR A 59 -17.76 10.00 0.93
CA THR A 59 -17.75 9.97 2.36
C THR A 59 -16.66 9.00 2.83
N ALA A 60 -15.64 9.52 3.47
CA ALA A 60 -14.51 8.70 3.94
C ALA A 60 -14.91 7.81 5.10
N LEU A 61 -14.30 6.62 5.14
CA LEU A 61 -14.67 5.64 6.14
C LEU A 61 -13.60 4.58 6.19
N GLY A 62 -13.64 3.82 7.27
CA GLY A 62 -12.78 2.68 7.40
C GLY A 62 -13.29 1.70 8.39
N TRP A 63 -12.82 0.45 8.30
CA TRP A 63 -13.21 -0.50 9.29
C TRP A 63 -12.20 -1.65 9.42
N THR A 64 -12.31 -2.46 10.47
CA THR A 64 -11.38 -3.53 10.74
C THR A 64 -12.15 -4.82 11.03
N VAL A 65 -11.61 -5.94 10.60
CA VAL A 65 -12.07 -7.26 10.97
C VAL A 65 -10.78 -7.94 11.50
N ALA A 66 -10.84 -8.48 12.71
CA ALA A 66 -9.85 -9.44 13.28
C ALA A 66 -10.45 -10.82 12.91
N TRP A 67 -9.68 -11.70 12.31
CA TRP A 67 -10.14 -12.98 11.70
C TRP A 67 -10.12 -14.07 12.74
N LYS A 68 -10.87 -13.80 13.78
CA LYS A 68 -11.10 -14.75 14.88
C LYS A 68 -12.58 -14.77 15.18
N ASN A 69 -13.14 -15.98 15.23
CA ASN A 69 -14.51 -16.13 15.68
C ASN A 69 -14.52 -17.40 16.53
N ASN A 70 -15.71 -17.92 16.82
CA ASN A 70 -15.65 -19.08 17.67
C ASN A 70 -15.18 -20.33 17.00
N TYR A 71 -15.03 -20.37 15.69
CA TYR A 71 -14.67 -21.64 15.05
C TYR A 71 -13.24 -21.65 14.60
N ARG A 72 -12.69 -20.46 14.35
CA ARG A 72 -11.34 -20.44 13.85
C ARG A 72 -10.60 -19.14 14.18
N ASN A 73 -9.28 -19.19 14.07
CA ASN A 73 -8.46 -17.99 14.34
C ASN A 73 -7.30 -17.95 13.35
N ALA A 74 -7.33 -17.00 12.42
CA ALA A 74 -6.27 -16.86 11.45
C ALA A 74 -5.10 -15.94 11.91
N HIS A 75 -5.10 -15.47 13.13
CA HIS A 75 -4.09 -14.61 13.75
C HIS A 75 -3.79 -13.46 12.79
N SER A 76 -4.81 -12.74 12.37
CA SER A 76 -4.62 -11.65 11.38
C SER A 76 -5.77 -10.67 11.47
N ALA A 77 -5.53 -9.48 10.89
CA ALA A 77 -6.60 -8.52 10.86
C ALA A 77 -6.49 -7.76 9.54
N THR A 78 -7.68 -7.36 9.08
CA THR A 78 -7.67 -6.60 7.83
C THR A 78 -8.30 -5.23 8.09
N THR A 79 -7.72 -4.17 7.56
CA THR A 79 -8.42 -2.92 7.66
C THR A 79 -8.68 -2.45 6.25
N TRP A 80 -9.86 -1.93 6.01
CA TRP A 80 -10.27 -1.33 4.75
C TRP A 80 -10.40 0.21 4.96
N SER A 81 -9.81 0.94 4.02
CA SER A 81 -9.87 2.40 4.07
C SER A 81 -10.42 2.81 2.72
N GLY A 82 -11.44 3.67 2.74
CA GLY A 82 -12.06 4.03 1.50
C GLY A 82 -13.08 5.19 1.56
N GLN A 83 -13.91 5.21 0.54
CA GLN A 83 -14.98 6.20 0.50
C GLN A 83 -16.25 5.66 -0.13
N TYR A 84 -17.41 6.09 0.38
CA TYR A 84 -18.70 5.71 -0.18
C TYR A 84 -19.02 6.80 -1.22
N VAL A 85 -19.58 6.40 -2.35
CA VAL A 85 -19.96 7.34 -3.45
C VAL A 85 -21.42 7.00 -3.75
N GLY A 86 -22.32 7.95 -3.48
CA GLY A 86 -23.71 7.63 -3.58
C GLY A 86 -24.20 7.77 -5.00
N GLY A 87 -25.52 7.76 -5.15
CA GLY A 87 -26.13 7.97 -6.44
C GLY A 87 -26.67 6.70 -7.03
N ALA A 88 -26.70 6.70 -8.36
CA ALA A 88 -27.26 5.63 -9.17
C ALA A 88 -26.80 4.24 -8.81
N GLU A 89 -25.52 3.94 -8.97
CA GLU A 89 -25.10 2.61 -8.55
C GLU A 89 -24.19 2.97 -7.37
N ALA A 90 -24.68 2.94 -6.15
CA ALA A 90 -23.78 3.33 -5.05
C ALA A 90 -22.65 2.34 -4.90
N ARG A 91 -21.51 2.84 -4.45
CA ARG A 91 -20.45 1.89 -4.25
C ARG A 91 -19.53 2.39 -3.14
N ILE A 92 -18.79 1.45 -2.59
CA ILE A 92 -17.76 1.85 -1.64
C ILE A 92 -16.44 1.35 -2.27
N ASN A 93 -15.48 2.26 -2.50
CA ASN A 93 -14.19 1.98 -3.09
C ASN A 93 -13.15 1.93 -1.96
N THR A 94 -12.44 0.80 -1.85
CA THR A 94 -11.46 0.71 -0.78
C THR A 94 -10.13 0.13 -1.22
N GLN A 95 -9.17 0.39 -0.36
CA GLN A 95 -7.89 -0.26 -0.36
C GLN A 95 -7.83 -0.90 1.03
N TRP A 96 -7.18 -2.05 1.11
CA TRP A 96 -7.04 -2.77 2.36
C TRP A 96 -5.60 -3.29 2.67
N LEU A 97 -5.35 -3.47 3.95
CA LEU A 97 -4.10 -3.97 4.51
C LEU A 97 -4.52 -5.17 5.34
N LEU A 98 -3.87 -6.30 5.08
CA LEU A 98 -4.09 -7.54 5.82
C LEU A 98 -2.81 -7.86 6.51
N THR A 99 -2.81 -7.78 7.84
CA THR A 99 -1.58 -8.05 8.57
C THR A 99 -1.76 -9.29 9.41
N SER A 100 -0.76 -10.17 9.28
CA SER A 100 -0.74 -11.41 10.08
C SER A 100 0.26 -11.31 11.23
N GLY A 101 0.01 -11.97 12.37
CA GLY A 101 1.00 -11.85 13.41
C GLY A 101 2.17 -12.72 13.00
N THR A 102 3.38 -12.21 13.19
CA THR A 102 4.49 -13.01 12.76
C THR A 102 5.61 -12.88 13.77
N THR A 103 6.67 -13.70 13.61
CA THR A 103 7.82 -13.45 14.46
C THR A 103 8.53 -12.26 13.84
N GLU A 104 9.50 -11.80 14.61
CA GLU A 104 10.38 -10.71 14.24
C GLU A 104 11.07 -11.00 12.92
N ALA A 105 11.54 -12.23 12.74
CA ALA A 105 12.29 -12.54 11.54
C ALA A 105 11.43 -12.61 10.28
N ASN A 106 10.13 -12.81 10.47
CA ASN A 106 9.21 -12.97 9.36
C ASN A 106 8.32 -11.75 9.13
N ALA A 107 8.65 -10.63 9.74
CA ALA A 107 7.81 -9.45 9.61
C ALA A 107 7.61 -8.94 8.19
N TRP A 108 8.55 -9.25 7.27
CA TRP A 108 8.46 -8.85 5.86
C TRP A 108 7.35 -9.47 5.05
N LYS A 109 6.87 -10.64 5.48
CA LYS A 109 5.69 -11.18 4.83
C LYS A 109 4.44 -10.95 5.71
N SER A 110 4.47 -9.96 6.60
CA SER A 110 3.33 -9.75 7.47
C SER A 110 2.17 -9.07 6.82
N THR A 111 2.44 -8.19 5.88
CA THR A 111 1.29 -7.41 5.43
C THR A 111 1.01 -7.45 3.96
N LEU A 112 -0.21 -7.80 3.62
CA LEU A 112 -0.71 -7.86 2.24
C LEU A 112 -1.45 -6.59 1.90
N VAL A 113 -1.42 -6.16 0.64
CA VAL A 113 -2.20 -5.01 0.29
C VAL A 113 -3.08 -5.36 -0.92
N GLY A 114 -4.27 -4.74 -0.99
CA GLY A 114 -5.19 -5.05 -2.07
C GLY A 114 -6.29 -4.00 -2.13
N HIS A 115 -7.28 -4.26 -2.96
CA HIS A 115 -8.35 -3.28 -3.13
C HIS A 115 -9.67 -4.02 -3.33
N ASP A 116 -10.76 -3.48 -2.79
CA ASP A 116 -12.04 -4.12 -2.93
C ASP A 116 -13.03 -3.03 -3.36
N THR A 117 -14.01 -3.37 -4.20
CA THR A 117 -15.08 -2.45 -4.55
C THR A 117 -16.35 -3.12 -4.07
N PHE A 118 -17.17 -2.44 -3.27
CA PHE A 118 -18.41 -3.00 -2.75
C PHE A 118 -19.64 -2.35 -3.39
N THR A 119 -20.64 -3.14 -3.69
CA THR A 119 -21.87 -2.64 -4.30
C THR A 119 -23.02 -3.29 -3.58
N LYS A 120 -24.22 -2.73 -3.77
CA LYS A 120 -25.40 -3.28 -3.14
C LYS A 120 -26.02 -4.47 -3.91
N VAL A 121 -25.49 -4.76 -5.09
CA VAL A 121 -25.91 -5.86 -5.96
C VAL A 121 -24.91 -6.97 -5.86
N LYS A 122 -25.25 -8.22 -5.65
CA LYS A 122 -24.20 -9.24 -5.61
C LYS A 122 -23.73 -9.71 -6.98
N PRO A 123 -22.42 -9.84 -7.24
CA PRO A 123 -21.96 -10.27 -8.56
C PRO A 123 -21.92 -11.77 -8.59
N SER A 124 -21.41 -12.33 -9.69
CA SER A 124 -21.35 -13.78 -9.91
C SER A 124 -19.97 -14.07 -10.44
N ALA B 3 -3.49 -8.30 27.80
CA ALA B 3 -3.15 -8.66 26.38
C ALA B 3 -1.88 -7.81 26.21
N GLY B 4 -1.83 -6.62 26.83
CA GLY B 4 -0.59 -5.86 26.94
C GLY B 4 -0.74 -4.52 26.25
N ILE B 5 -1.82 -4.55 25.53
CA ILE B 5 -2.10 -3.44 24.64
C ILE B 5 -2.75 -2.27 25.34
N THR B 6 -3.54 -2.50 26.39
CA THR B 6 -4.28 -1.41 27.02
C THR B 6 -3.32 -0.35 27.59
N GLY B 7 -3.55 0.92 27.35
CA GLY B 7 -2.73 1.96 27.92
C GLY B 7 -2.48 3.03 26.88
N THR B 8 -1.43 3.77 27.11
CA THR B 8 -1.13 4.92 26.28
C THR B 8 0.05 4.60 25.38
N TRP B 9 -0.05 4.97 24.10
CA TRP B 9 1.03 4.71 23.13
C TRP B 9 1.39 5.99 22.44
N TYR B 10 2.63 6.14 22.05
CA TYR B 10 3.14 7.34 21.44
C TYR B 10 3.86 7.00 20.15
N ASN B 11 3.73 7.88 19.15
CA ASN B 11 4.49 7.65 17.90
C ASN B 11 5.64 8.62 17.92
N GLN B 12 6.49 8.58 16.90
CA GLN B 12 7.63 9.48 16.95
C GLN B 12 7.31 10.90 16.53
N LEU B 13 6.14 11.14 15.94
CA LEU B 13 5.82 12.49 15.51
C LEU B 13 5.23 13.26 16.67
N GLY B 14 4.97 12.64 17.82
CA GLY B 14 4.34 13.34 18.92
C GLY B 14 2.82 13.17 19.15
N SER B 15 2.23 12.18 18.50
CA SER B 15 0.80 11.86 18.68
C SER B 15 0.68 10.82 19.78
N THR B 16 -0.50 10.76 20.38
CA THR B 16 -0.75 9.87 21.49
C THR B 16 -2.00 9.07 21.22
N PHE B 17 -2.04 7.79 21.57
CA PHE B 17 -3.34 7.17 21.52
C PHE B 17 -3.53 6.35 22.82
N ILE B 18 -4.74 6.43 23.37
CA ILE B 18 -5.07 5.73 24.63
C ILE B 18 -6.06 4.69 24.19
N VAL B 19 -5.79 3.42 24.44
CA VAL B 19 -6.70 2.41 24.03
C VAL B 19 -7.01 1.43 25.16
N THR B 20 -8.20 0.86 25.10
CA THR B 20 -8.54 -0.21 26.01
C THR B 20 -8.77 -1.40 25.11
N ALA B 21 -8.16 -2.52 25.44
CA ALA B 21 -8.33 -3.74 24.72
C ALA B 21 -9.39 -4.54 25.49
N GLY B 22 -10.48 -4.94 24.87
CA GLY B 22 -11.55 -5.64 25.59
C GLY B 22 -11.40 -7.13 25.51
N ALA B 23 -12.06 -7.89 26.39
CA ALA B 23 -11.82 -9.33 26.35
C ALA B 23 -12.24 -10.03 25.05
N ASP B 24 -13.30 -9.48 24.48
CA ASP B 24 -13.86 -9.96 23.23
C ASP B 24 -13.16 -9.60 21.90
N GLY B 25 -12.04 -8.89 21.92
CA GLY B 25 -11.36 -8.45 20.72
C GLY B 25 -11.58 -6.99 20.33
N ALA B 26 -12.35 -6.23 21.09
CA ALA B 26 -12.53 -4.86 20.71
C ALA B 26 -11.41 -3.95 21.21
N LEU B 27 -11.12 -2.91 20.43
CA LEU B 27 -10.21 -1.89 20.82
C LEU B 27 -11.05 -0.59 20.77
N THR B 28 -11.02 0.16 21.86
CA THR B 28 -11.69 1.45 21.94
C THR B 28 -10.77 2.48 22.54
N GLY B 29 -10.92 3.74 22.15
CA GLY B 29 -10.00 4.71 22.74
C GLY B 29 -10.12 6.07 22.08
N THR B 30 -9.03 6.80 22.30
CA THR B 30 -8.93 8.15 21.76
C THR B 30 -7.60 8.39 21.13
N TYR B 31 -7.61 9.08 20.00
CA TYR B 31 -6.35 9.44 19.37
C TYR B 31 -6.14 10.89 19.66
N ILE B 32 -4.96 11.32 20.10
CA ILE B 32 -4.79 12.74 20.38
C ILE B 32 -3.62 13.27 19.53
N GLY B 33 -3.82 14.16 18.54
CA GLY B 33 -2.73 14.62 17.69
C GLY B 33 -1.77 15.43 18.54
N ALA B 34 -0.58 15.74 18.02
CA ALA B 34 0.47 16.40 18.81
C ALA B 34 0.21 17.71 19.60
N ARG B 35 -0.70 18.53 19.11
CA ARG B 35 -1.07 19.80 19.72
C ARG B 35 -1.61 19.48 21.12
N GLY B 36 -2.22 18.30 21.33
CA GLY B 36 -2.67 17.91 22.65
C GLY B 36 -3.94 18.49 23.28
N ASN B 37 -4.58 19.42 22.58
CA ASN B 37 -5.81 20.01 23.12
C ASN B 37 -7.07 19.26 22.72
N ALA B 38 -8.21 19.73 23.23
CA ALA B 38 -9.52 19.11 22.95
C ALA B 38 -9.86 19.11 21.49
N GLU B 39 -9.39 20.11 20.73
CA GLU B 39 -9.67 20.10 19.32
C GLU B 39 -8.89 19.04 18.55
N SER B 40 -7.95 18.37 19.21
CA SER B 40 -7.09 17.34 18.61
C SER B 40 -7.45 15.93 19.03
N ARG B 41 -8.58 15.79 19.70
CA ARG B 41 -9.04 14.49 20.15
C ARG B 41 -10.07 13.84 19.27
N TYR B 42 -9.89 12.54 18.96
CA TYR B 42 -10.77 11.88 18.02
C TYR B 42 -10.98 10.45 18.49
N VAL B 43 -12.17 9.91 18.23
CA VAL B 43 -12.48 8.56 18.67
C VAL B 43 -11.78 7.54 17.77
N LEU B 44 -11.38 6.43 18.40
CA LEU B 44 -10.86 5.34 17.62
C LEU B 44 -11.57 4.05 18.00
N THR B 45 -11.73 3.18 17.01
CA THR B 45 -12.29 1.83 17.28
C THR B 45 -11.60 0.83 16.38
N GLY B 46 -11.46 -0.39 16.88
CA GLY B 46 -10.80 -1.39 16.12
C GLY B 46 -11.01 -2.75 16.76
N ARG B 47 -10.17 -3.63 16.26
CA ARG B 47 -10.21 -5.05 16.59
C ARG B 47 -8.86 -5.69 16.74
N TYR B 48 -8.68 -6.74 17.53
CA TYR B 48 -7.40 -7.36 17.74
C TYR B 48 -7.65 -8.86 17.98
N ASP B 49 -6.64 -9.65 17.71
CA ASP B 49 -6.64 -11.13 17.97
C ASP B 49 -6.54 -11.31 19.49
N SER B 50 -7.62 -11.70 20.15
CA SER B 50 -7.61 -11.87 21.58
C SER B 50 -7.06 -13.21 22.01
N ALA B 51 -6.62 -14.06 21.08
CA ALA B 51 -5.99 -15.33 21.47
C ALA B 51 -4.84 -15.56 20.54
N PRO B 52 -3.79 -14.77 20.61
CA PRO B 52 -2.67 -14.94 19.66
C PRO B 52 -1.93 -16.24 19.89
N ALA B 53 -1.11 -16.56 18.91
CA ALA B 53 -0.26 -17.74 18.88
C ALA B 53 0.73 -17.58 20.01
N THR B 54 1.31 -18.70 20.45
CA THR B 54 2.26 -18.67 21.57
C THR B 54 3.68 -19.02 21.15
N ASP B 55 3.93 -18.93 19.85
CA ASP B 55 5.26 -19.21 19.34
C ASP B 55 6.14 -17.97 19.30
N GLY B 56 5.72 -16.86 19.88
CA GLY B 56 6.54 -15.68 19.82
C GLY B 56 6.03 -14.69 18.77
N SER B 57 5.06 -15.09 17.96
CA SER B 57 4.42 -14.22 16.97
C SER B 57 3.75 -13.02 17.67
N GLY B 58 3.67 -11.92 16.92
CA GLY B 58 3.00 -10.75 17.38
C GLY B 58 1.49 -10.92 17.34
N THR B 59 0.82 -9.91 17.88
CA THR B 59 -0.65 -9.85 18.02
C THR B 59 -1.20 -8.96 16.93
N ALA B 60 -1.97 -9.55 16.06
CA ALA B 60 -2.49 -8.77 14.93
C ALA B 60 -3.57 -7.83 15.37
N LEU B 61 -3.66 -6.64 14.81
CA LEU B 61 -4.71 -5.73 15.23
C LEU B 61 -4.90 -4.64 14.13
N GLY B 62 -5.92 -3.84 14.29
CA GLY B 62 -6.11 -2.73 13.41
C GLY B 62 -7.10 -1.76 14.01
N TRP B 63 -7.08 -0.50 13.61
CA TRP B 63 -8.07 0.43 14.14
C TRP B 63 -8.29 1.58 13.16
N THR B 64 -9.39 2.30 13.30
CA THR B 64 -9.73 3.39 12.41
C THR B 64 -10.04 4.63 13.21
N VAL B 65 -9.61 5.79 12.69
CA VAL B 65 -10.01 7.09 13.18
C VAL B 65 -10.67 7.84 12.01
N ALA B 66 -11.89 8.36 12.13
CA ALA B 66 -12.50 9.24 11.18
C ALA B 66 -12.19 10.64 11.81
N TRP B 67 -11.64 11.52 10.97
CA TRP B 67 -11.10 12.80 11.37
C TRP B 67 -12.09 13.91 11.58
N LYS B 68 -13.12 13.55 12.33
CA LYS B 68 -14.18 14.50 12.66
C LYS B 68 -14.41 14.44 14.12
N ASN B 69 -14.51 15.62 14.71
CA ASN B 69 -14.87 15.66 16.13
C ASN B 69 -15.92 16.77 16.16
N ASN B 70 -16.09 17.42 17.30
CA ASN B 70 -17.17 18.43 17.42
C ASN B 70 -16.61 19.78 17.05
N TYR B 71 -15.31 19.82 16.79
CA TYR B 71 -14.60 21.09 16.54
C TYR B 71 -14.10 21.25 15.13
N ARG B 72 -13.96 20.14 14.39
CA ARG B 72 -13.38 20.22 13.08
C ARG B 72 -13.69 18.88 12.36
N ASN B 73 -13.62 19.00 11.05
CA ASN B 73 -13.88 17.88 10.12
C ASN B 73 -12.87 17.94 8.97
N ALA B 74 -11.98 16.95 8.94
CA ALA B 74 -11.02 16.87 7.84
C ALA B 74 -11.54 15.96 6.68
N HIS B 75 -12.73 15.41 6.80
CA HIS B 75 -13.33 14.60 5.75
C HIS B 75 -12.40 13.51 5.25
N SER B 76 -11.93 12.74 6.20
CA SER B 76 -10.97 11.69 5.87
C SER B 76 -11.02 10.70 7.03
N ALA B 77 -10.41 9.55 6.76
CA ALA B 77 -10.30 8.49 7.79
C ALA B 77 -8.98 7.73 7.57
N THR B 78 -8.32 7.39 8.69
CA THR B 78 -7.12 6.59 8.61
C THR B 78 -7.34 5.22 9.28
N THR B 79 -6.78 4.21 8.63
CA THR B 79 -6.78 2.93 9.30
C THR B 79 -5.32 2.51 9.49
N TRP B 80 -5.03 1.95 10.63
CA TRP B 80 -3.73 1.40 10.99
C TRP B 80 -3.86 -0.12 11.06
N SER B 81 -2.97 -0.83 10.38
CA SER B 81 -3.05 -2.30 10.33
C SER B 81 -1.65 -2.73 10.81
N GLY B 82 -1.60 -3.63 11.80
CA GLY B 82 -0.30 -3.93 12.37
C GLY B 82 -0.31 -5.02 13.43
N GLN B 83 0.78 -5.06 14.17
CA GLN B 83 0.98 -6.09 15.18
C GLN B 83 1.68 -5.48 16.40
N TYR B 84 1.23 -5.98 17.54
CA TYR B 84 1.79 -5.68 18.85
C TYR B 84 2.87 -6.73 19.10
N VAL B 85 3.96 -6.21 19.61
CA VAL B 85 5.14 -6.99 19.94
C VAL B 85 5.38 -6.67 21.41
N GLY B 86 5.20 -7.68 22.26
CA GLY B 86 5.35 -7.53 23.69
C GLY B 86 6.78 -7.61 24.20
N GLY B 87 6.95 -7.45 25.51
CA GLY B 87 8.33 -7.45 26.03
C GLY B 87 8.62 -6.15 26.78
N ALA B 88 9.87 -5.97 27.18
CA ALA B 88 10.29 -4.77 27.89
C ALA B 88 10.22 -3.51 27.08
N GLU B 89 10.50 -3.65 25.79
CA GLU B 89 10.48 -2.57 24.82
C GLU B 89 9.32 -2.89 23.85
N ALA B 90 8.11 -2.85 24.39
CA ALA B 90 6.90 -3.16 23.66
C ALA B 90 6.70 -2.20 22.51
N ARG B 91 6.13 -2.72 21.43
CA ARG B 91 5.84 -1.81 20.37
C ARG B 91 4.70 -2.33 19.55
N ILE B 92 4.09 -1.39 18.86
CA ILE B 92 3.05 -1.65 17.86
C ILE B 92 3.61 -1.16 16.51
N ASN B 93 3.85 -2.09 15.60
CA ASN B 93 4.35 -1.76 14.25
C ASN B 93 3.19 -1.72 13.28
N THR B 94 2.97 -0.59 12.60
CA THR B 94 1.82 -0.50 11.69
C THR B 94 2.17 0.07 10.32
N GLN B 95 1.25 -0.17 9.41
CA GLN B 95 1.23 0.45 8.07
C GLN B 95 -0.15 1.12 8.16
N TRP B 96 -0.31 2.29 7.52
CA TRP B 96 -1.58 2.99 7.55
C TRP B 96 -1.97 3.48 6.14
N LEU B 97 -3.28 3.65 5.98
CA LEU B 97 -3.94 4.17 4.78
C LEU B 97 -4.78 5.34 5.25
N LEU B 98 -4.60 6.48 4.61
CA LEU B 98 -5.40 7.66 5.00
C LEU B 98 -6.17 7.99 3.71
N THR B 99 -7.49 7.90 3.78
CA THR B 99 -8.30 8.17 2.64
C THR B 99 -9.09 9.43 2.92
N SER B 100 -9.02 10.28 1.90
CA SER B 100 -9.76 11.54 1.97
C SER B 100 -10.93 11.45 1.01
N GLY B 101 -12.06 12.09 1.34
CA GLY B 101 -13.21 12.09 0.49
C GLY B 101 -12.92 12.98 -0.70
N THR B 102 -13.13 12.48 -1.89
CA THR B 102 -12.82 13.24 -3.11
C THR B 102 -13.99 13.10 -4.11
N THR B 103 -13.97 13.94 -5.14
CA THR B 103 -14.88 13.73 -6.24
C THR B 103 -14.30 12.55 -7.01
N GLU B 104 -15.09 11.94 -7.89
CA GLU B 104 -14.62 10.84 -8.69
C GLU B 104 -13.42 11.15 -9.55
N ALA B 105 -13.39 12.35 -10.09
CA ALA B 105 -12.31 12.77 -10.93
C ALA B 105 -11.06 12.80 -10.08
N ASN B 106 -11.10 13.12 -8.79
CA ASN B 106 -9.86 13.23 -8.01
C ASN B 106 -9.51 12.03 -7.13
N ALA B 107 -10.21 10.93 -7.45
CA ALA B 107 -10.08 9.75 -6.63
C ALA B 107 -8.65 9.23 -6.63
N TRP B 108 -7.90 9.58 -7.68
CA TRP B 108 -6.50 9.14 -7.78
C TRP B 108 -5.71 9.68 -6.64
N LYS B 109 -6.05 10.83 -6.08
CA LYS B 109 -5.26 11.34 -4.98
C LYS B 109 -5.96 11.17 -3.65
N SER B 110 -6.77 10.13 -3.59
CA SER B 110 -7.56 9.94 -2.36
C SER B 110 -6.81 9.24 -1.24
N THR B 111 -5.82 8.39 -1.55
CA THR B 111 -5.25 7.58 -0.51
C THR B 111 -3.72 7.62 -0.39
N LEU B 112 -3.30 8.09 0.77
CA LEU B 112 -1.91 8.09 1.19
C LEU B 112 -1.59 6.81 1.98
N VAL B 113 -0.33 6.36 1.91
CA VAL B 113 0.08 5.19 2.65
C VAL B 113 1.35 5.60 3.39
N GLY B 114 1.59 5.07 4.55
CA GLY B 114 2.77 5.30 5.32
C GLY B 114 2.86 4.27 6.44
N HIS B 115 3.76 4.53 7.35
CA HIS B 115 3.99 3.56 8.43
C HIS B 115 4.22 4.31 9.73
N ASP B 116 3.85 3.69 10.86
CA ASP B 116 4.12 4.27 12.16
C ASP B 116 4.48 3.15 13.16
N THR B 117 5.34 3.50 14.08
CA THR B 117 5.73 2.62 15.19
C THR B 117 5.35 3.37 16.47
N PHE B 118 4.68 2.64 17.36
CA PHE B 118 4.21 3.17 18.60
C PHE B 118 4.92 2.44 19.75
N THR B 119 5.34 3.24 20.71
CA THR B 119 5.97 2.76 21.97
C THR B 119 5.25 3.29 23.21
N LYS B 120 5.58 2.69 24.37
CA LYS B 120 4.96 3.09 25.62
C LYS B 120 5.67 4.29 26.25
N VAL B 121 6.85 4.57 25.75
CA VAL B 121 7.46 5.78 26.27
C VAL B 121 7.60 6.80 25.18
N LYS B 122 7.48 8.08 25.53
CA LYS B 122 7.61 9.12 24.52
C LYS B 122 8.92 9.11 23.75
N ALA C 3 6.70 -10.60 -25.13
CA ALA C 3 6.30 -11.76 -26.00
C ALA C 3 4.81 -11.52 -25.96
N GLY C 4 4.09 -12.19 -25.04
CA GLY C 4 2.74 -11.74 -24.80
C GLY C 4 2.78 -10.34 -24.17
N ILE C 5 3.88 -9.90 -23.56
CA ILE C 5 3.80 -8.58 -22.92
C ILE C 5 4.14 -7.44 -23.88
N THR C 6 5.08 -7.70 -24.79
CA THR C 6 5.46 -6.66 -25.73
C THR C 6 4.26 -6.12 -26.49
N GLY C 7 4.17 -4.79 -26.53
CA GLY C 7 3.06 -4.20 -27.27
C GLY C 7 2.48 -2.97 -26.59
N THR C 8 1.23 -2.69 -26.94
CA THR C 8 0.54 -1.49 -26.48
C THR C 8 -0.58 -1.87 -25.47
N TRP C 9 -0.60 -1.12 -24.36
CA TRP C 9 -1.55 -1.44 -23.30
C TRP C 9 -2.28 -0.18 -22.93
N TYR C 10 -3.52 -0.34 -22.52
CA TYR C 10 -4.36 0.80 -22.22
C TYR C 10 -5.02 0.62 -20.83
N ASN C 11 -5.16 1.73 -20.11
CA ASN C 11 -5.84 1.62 -18.82
C ASN C 11 -7.23 2.16 -19.01
N GLN C 12 -8.09 2.24 -18.00
CA GLN C 12 -9.43 2.74 -18.29
C GLN C 12 -9.51 4.24 -18.28
N LEU C 13 -8.49 4.88 -17.75
CA LEU C 13 -8.63 6.33 -17.76
C LEU C 13 -8.14 6.99 -19.03
N GLY C 14 -7.63 6.23 -19.98
CA GLY C 14 -7.21 6.91 -21.19
C GLY C 14 -5.70 6.93 -21.38
N SER C 15 -4.95 6.35 -20.44
CA SER C 15 -3.51 6.31 -20.64
C SER C 15 -3.10 5.13 -21.48
N THR C 16 -1.93 5.26 -22.10
CA THR C 16 -1.36 4.22 -22.95
C THR C 16 0.09 3.95 -22.54
N PHE C 17 0.53 2.71 -22.67
CA PHE C 17 1.92 2.50 -22.44
C PHE C 17 2.33 1.47 -23.50
N ILE C 18 3.46 1.76 -24.11
CA ILE C 18 4.06 0.91 -25.12
C ILE C 18 5.34 0.31 -24.55
N VAL C 19 5.45 -1.00 -24.57
CA VAL C 19 6.62 -1.64 -23.96
C VAL C 19 7.15 -2.78 -24.83
N THR C 20 8.44 -2.99 -24.71
CA THR C 20 9.15 -4.07 -25.31
C THR C 20 9.67 -4.86 -24.13
N ALA C 21 9.37 -6.16 -24.15
CA ALA C 21 9.85 -7.09 -23.16
C ALA C 21 11.05 -7.82 -23.74
N GLY C 22 12.24 -7.54 -23.23
CA GLY C 22 13.46 -8.14 -23.72
C GLY C 22 13.67 -9.54 -23.18
N ALA C 23 14.49 -10.32 -23.90
CA ALA C 23 14.69 -11.70 -23.54
C ALA C 23 15.45 -11.81 -22.23
N ASP C 24 16.14 -10.76 -21.86
CA ASP C 24 16.91 -10.73 -20.63
C ASP C 24 16.13 -10.25 -19.37
N GLY C 25 14.82 -10.05 -19.49
CA GLY C 25 13.99 -9.65 -18.36
C GLY C 25 13.80 -8.14 -18.30
N ALA C 26 14.33 -7.41 -19.28
CA ALA C 26 14.14 -5.94 -19.32
C ALA C 26 12.79 -5.51 -19.86
N LEU C 27 12.26 -4.42 -19.33
CA LEU C 27 11.08 -3.79 -19.89
C LEU C 27 11.53 -2.38 -20.21
N THR C 28 11.24 -1.95 -21.42
CA THR C 28 11.56 -0.58 -21.78
C THR C 28 10.42 -0.08 -22.63
N GLY C 29 10.16 1.22 -22.49
CA GLY C 29 9.08 1.77 -23.28
C GLY C 29 8.75 3.21 -22.93
N THR C 30 7.52 3.54 -23.31
CA THR C 30 7.03 4.88 -23.12
C THR C 30 5.63 4.84 -22.52
N TYR C 31 5.38 5.75 -21.59
CA TYR C 31 4.07 5.93 -20.97
C TYR C 31 3.60 7.27 -21.37
N ILE C 32 2.44 7.21 -22.01
CA ILE C 32 1.65 8.34 -22.51
C ILE C 32 0.31 8.63 -21.88
N GLY C 33 0.29 9.79 -21.20
CA GLY C 33 -0.89 10.32 -20.56
C GLY C 33 -2.03 10.53 -21.53
N ALA C 34 -3.17 10.72 -20.88
CA ALA C 34 -4.45 10.88 -21.60
C ALA C 34 -4.39 11.91 -22.75
N ARG C 35 -3.66 13.00 -22.55
CA ARG C 35 -3.58 14.10 -23.52
C ARG C 35 -2.99 13.62 -24.85
N GLY C 36 -2.20 12.56 -24.84
CA GLY C 36 -1.62 12.03 -26.08
C GLY C 36 -0.59 12.88 -26.81
N ASN C 37 -0.20 13.99 -26.20
CA ASN C 37 0.71 15.06 -26.57
C ASN C 37 2.20 14.68 -26.51
N ALA C 38 3.11 15.37 -27.19
CA ALA C 38 4.53 15.08 -27.00
C ALA C 38 4.83 15.42 -25.53
N GLU C 39 4.14 16.40 -24.95
CA GLU C 39 4.45 16.73 -23.57
C GLU C 39 3.87 15.71 -22.56
N SER C 40 3.18 14.70 -23.04
CA SER C 40 2.52 13.70 -22.20
C SER C 40 3.30 12.39 -22.30
N ARG C 41 4.46 12.36 -22.92
CA ARG C 41 5.23 11.10 -23.07
C ARG C 41 6.40 11.04 -22.13
N TYR C 42 6.56 9.90 -21.43
CA TYR C 42 7.55 9.71 -20.39
C TYR C 42 8.21 8.33 -20.55
N VAL C 43 9.48 8.30 -20.22
CA VAL C 43 10.20 7.03 -20.26
C VAL C 43 9.81 6.08 -19.11
N LEU C 44 9.71 4.80 -19.50
CA LEU C 44 9.48 3.79 -18.49
C LEU C 44 10.53 2.72 -18.63
N THR C 45 10.90 2.16 -17.50
CA THR C 45 11.86 1.06 -17.44
C THR C 45 11.51 0.13 -16.30
N GLY C 46 11.66 -1.18 -16.51
CA GLY C 46 11.33 -2.08 -15.43
C GLY C 46 11.92 -3.43 -15.77
N ARG C 47 11.40 -4.40 -15.03
CA ARG C 47 11.85 -5.78 -15.11
C ARG C 47 10.71 -6.75 -15.03
N TYR C 48 10.87 -7.97 -15.57
CA TYR C 48 9.76 -8.92 -15.49
C TYR C 48 10.43 -10.31 -15.38
N ASP C 49 9.63 -11.26 -14.94
CA ASP C 49 10.10 -12.64 -14.89
C ASP C 49 10.11 -13.26 -16.29
N SER C 50 11.34 -13.47 -16.80
CA SER C 50 11.46 -13.97 -18.17
C SER C 50 11.36 -15.48 -18.31
N ALA C 51 11.15 -16.18 -17.21
CA ALA C 51 10.94 -17.62 -17.23
C ALA C 51 9.80 -17.94 -16.31
N PRO C 52 8.57 -17.53 -16.62
CA PRO C 52 7.49 -17.78 -15.68
C PRO C 52 6.98 -19.23 -15.65
N ALA C 53 6.19 -19.52 -14.63
CA ALA C 53 5.61 -20.84 -14.50
C ALA C 53 4.70 -20.97 -15.68
N THR C 54 4.50 -22.19 -16.14
CA THR C 54 3.65 -22.46 -17.27
C THR C 54 2.35 -23.11 -16.87
N ASP C 55 1.89 -22.90 -15.64
CA ASP C 55 0.75 -23.60 -15.04
C ASP C 55 -0.47 -22.77 -14.78
N GLY C 56 -0.56 -21.67 -15.51
CA GLY C 56 -1.66 -20.76 -15.32
C GLY C 56 -1.36 -19.50 -14.50
N SER C 57 -0.21 -19.50 -13.83
CA SER C 57 0.23 -18.43 -12.93
C SER C 57 0.57 -17.20 -13.78
N GLY C 58 0.34 -16.01 -13.23
CA GLY C 58 0.81 -14.84 -13.97
C GLY C 58 2.30 -14.63 -13.99
N THR C 59 2.75 -13.66 -14.77
CA THR C 59 4.14 -13.34 -14.91
C THR C 59 4.34 -12.04 -14.11
N ALA C 60 5.10 -12.07 -13.02
CA ALA C 60 5.42 -10.91 -12.17
C ALA C 60 6.23 -9.90 -12.95
N LEU C 61 5.93 -8.62 -12.71
CA LEU C 61 6.66 -7.57 -13.42
C LEU C 61 6.49 -6.26 -12.58
N GLY C 62 7.33 -5.27 -12.87
CA GLY C 62 7.22 -3.95 -12.26
C GLY C 62 7.88 -2.93 -13.20
N TRP C 63 7.43 -1.70 -13.13
CA TRP C 63 8.14 -0.66 -13.90
C TRP C 63 8.05 0.67 -13.18
N THR C 64 8.88 1.61 -13.59
CA THR C 64 8.91 2.92 -12.96
C THR C 64 8.84 3.98 -14.06
N VAL C 65 8.09 5.04 -13.76
CA VAL C 65 8.10 6.27 -14.58
C VAL C 65 8.55 7.43 -13.69
N ALA C 66 9.53 8.23 -14.09
CA ALA C 66 9.78 9.45 -13.34
C ALA C 66 9.16 10.51 -14.22
N TRP C 67 8.37 11.37 -13.59
CA TRP C 67 7.49 12.34 -14.25
C TRP C 67 8.19 13.64 -14.65
N LYS C 68 9.30 13.41 -15.34
CA LYS C 68 10.09 14.49 -15.94
C LYS C 68 10.33 14.14 -17.37
N ASN C 69 10.12 15.09 -18.27
CA ASN C 69 10.42 14.92 -19.70
C ASN C 69 11.05 16.26 -20.11
N ASN C 70 11.21 16.48 -21.40
CA ASN C 70 11.94 17.68 -21.79
C ASN C 70 11.07 18.92 -21.65
N TYR C 71 9.77 18.75 -21.35
CA TYR C 71 8.81 19.82 -21.29
C TYR C 71 8.26 20.13 -19.90
N ARG C 72 8.15 19.12 -19.05
CA ARG C 72 7.61 19.43 -17.75
C ARG C 72 8.24 18.47 -16.75
N ASN C 73 8.01 18.78 -15.48
CA ASN C 73 8.55 18.02 -14.35
C ASN C 73 7.58 18.20 -13.18
N ALA C 74 7.04 17.07 -12.76
CA ALA C 74 6.18 17.02 -11.63
C ALA C 74 6.86 16.51 -10.38
N HIS C 75 8.18 16.37 -10.34
CA HIS C 75 8.95 16.02 -9.15
C HIS C 75 8.31 14.83 -8.41
N SER C 76 8.07 13.81 -9.22
CA SER C 76 7.51 12.56 -8.64
C SER C 76 7.85 11.39 -9.50
N ALA C 77 7.58 10.21 -8.94
CA ALA C 77 7.82 8.95 -9.64
C ALA C 77 6.83 7.91 -9.22
N THR C 78 6.34 7.14 -10.18
CA THR C 78 5.38 6.07 -9.91
C THR C 78 6.04 4.74 -10.21
N THR C 79 5.77 3.77 -9.34
CA THR C 79 6.17 2.41 -9.62
C THR C 79 4.89 1.59 -9.68
N TRP C 80 4.77 0.69 -10.65
CA TRP C 80 3.65 -0.24 -10.78
C TRP C 80 4.20 -1.62 -10.50
N SER C 81 3.51 -2.38 -9.65
CA SER C 81 3.98 -3.74 -9.37
C SER C 81 2.77 -4.59 -9.67
N GLY C 82 2.96 -5.67 -10.40
CA GLY C 82 1.81 -6.56 -10.67
C GLY C 82 2.16 -7.77 -11.49
N GLN C 83 1.16 -8.26 -12.18
CA GLN C 83 1.34 -9.46 -13.04
C GLN C 83 0.58 -9.41 -14.34
N TYR C 84 1.16 -10.08 -15.32
CA TYR C 84 0.55 -10.20 -16.66
C TYR C 84 -0.19 -11.52 -16.67
N VAL C 85 -1.40 -11.58 -17.20
CA VAL C 85 -2.19 -12.80 -17.27
C VAL C 85 -2.56 -12.86 -18.73
N GLY C 86 -2.15 -13.92 -19.42
CA GLY C 86 -2.38 -14.05 -20.85
C GLY C 86 -3.72 -14.69 -21.17
N GLY C 87 -4.01 -14.94 -22.45
CA GLY C 87 -5.27 -15.57 -22.82
C GLY C 87 -6.01 -14.64 -23.74
N ALA C 88 -7.24 -14.99 -24.10
CA ALA C 88 -7.99 -14.11 -24.97
C ALA C 88 -8.27 -12.78 -24.27
N GLU C 89 -8.50 -12.77 -22.95
CA GLU C 89 -8.79 -11.49 -22.30
C GLU C 89 -7.53 -11.08 -21.51
N ALA C 90 -6.40 -10.94 -22.20
CA ALA C 90 -5.13 -10.60 -21.52
C ALA C 90 -5.15 -9.25 -20.77
N ARG C 91 -4.52 -9.26 -19.60
CA ARG C 91 -4.50 -8.08 -18.73
C ARG C 91 -3.22 -8.05 -17.94
N ILE C 92 -2.87 -6.86 -17.47
CA ILE C 92 -1.78 -6.63 -16.55
C ILE C 92 -2.51 -5.98 -15.33
N ASN C 93 -2.54 -6.64 -14.19
CA ASN C 93 -3.19 -6.16 -12.97
C ASN C 93 -2.08 -5.57 -12.08
N THR C 94 -2.20 -4.27 -11.76
CA THR C 94 -1.17 -3.68 -10.93
C THR C 94 -1.66 -2.91 -9.72
N GLN C 95 -0.73 -2.76 -8.78
CA GLN C 95 -0.92 -1.75 -7.70
C GLN C 95 0.23 -0.78 -7.93
N TRP C 96 -0.01 0.49 -7.63
CA TRP C 96 1.05 1.50 -7.83
C TRP C 96 1.24 2.38 -6.60
N LEU C 97 2.45 2.92 -6.55
CA LEU C 97 2.88 3.88 -5.54
C LEU C 97 3.38 5.10 -6.25
N LEU C 98 2.82 6.27 -5.96
CA LEU C 98 3.26 7.54 -6.55
C LEU C 98 3.93 8.33 -5.44
N THR C 99 5.23 8.62 -5.51
CA THR C 99 5.96 9.36 -4.48
C THR C 99 6.36 10.68 -5.07
N SER C 100 6.00 11.68 -4.31
CA SER C 100 6.36 13.12 -4.67
C SER C 100 7.53 13.53 -3.81
N GLY C 101 8.40 14.37 -4.39
CA GLY C 101 9.49 14.92 -3.62
C GLY C 101 8.91 15.88 -2.58
N THR C 102 9.23 15.68 -1.31
CA THR C 102 8.77 16.59 -0.25
C THR C 102 9.85 17.00 0.74
N THR C 103 9.58 18.04 1.54
CA THR C 103 10.46 18.31 2.67
C THR C 103 10.18 17.22 3.71
N GLU C 104 11.15 17.12 4.63
CA GLU C 104 11.18 16.08 5.66
C GLU C 104 9.90 16.13 6.47
N ALA C 105 9.48 17.36 6.70
CA ALA C 105 8.28 17.61 7.49
C ALA C 105 7.01 17.14 6.80
N ASN C 106 7.00 17.24 5.46
CA ASN C 106 5.80 16.95 4.69
C ASN C 106 5.82 15.56 4.12
N ALA C 107 6.74 14.76 4.64
CA ALA C 107 6.92 13.41 4.12
C ALA C 107 5.68 12.57 4.27
N TRP C 108 4.80 12.87 5.23
CA TRP C 108 3.56 12.09 5.41
C TRP C 108 2.63 12.07 4.19
N LYS C 109 2.69 13.12 3.39
CA LYS C 109 1.90 13.15 2.18
C LYS C 109 2.75 12.83 0.98
N SER C 110 3.91 12.18 1.12
CA SER C 110 4.67 11.91 -0.06
C SER C 110 4.14 10.79 -0.95
N THR C 111 3.44 9.80 -0.39
CA THR C 111 3.13 8.62 -1.20
C THR C 111 1.66 8.22 -1.29
N LEU C 112 1.15 8.25 -2.48
CA LEU C 112 -0.20 7.89 -2.86
C LEU C 112 -0.16 6.45 -3.30
N VAL C 113 -1.23 5.72 -3.06
CA VAL C 113 -1.34 4.34 -3.46
C VAL C 113 -2.61 4.14 -4.26
N GLY C 114 -2.58 3.29 -5.27
CA GLY C 114 -3.70 2.98 -6.11
C GLY C 114 -3.55 1.67 -6.88
N HIS C 115 -4.43 1.49 -7.83
CA HIS C 115 -4.37 0.28 -8.70
C HIS C 115 -4.74 0.60 -10.11
N ASP C 116 -4.28 -0.19 -11.06
CA ASP C 116 -4.56 -0.02 -12.47
C ASP C 116 -4.69 -1.43 -13.09
N THR C 117 -5.62 -1.60 -14.01
CA THR C 117 -5.77 -2.75 -14.87
C THR C 117 -5.55 -2.27 -16.31
N PHE C 118 -4.58 -2.89 -16.96
CA PHE C 118 -4.27 -2.61 -18.35
C PHE C 118 -4.76 -3.77 -19.26
N THR C 119 -5.30 -3.39 -20.42
CA THR C 119 -5.77 -4.32 -21.46
C THR C 119 -5.19 -3.96 -22.84
N LYS C 120 -5.22 -4.93 -23.74
CA LYS C 120 -4.70 -4.82 -25.10
C LYS C 120 -5.68 -4.08 -26.00
N VAL C 121 -6.93 -4.00 -25.56
CA VAL C 121 -7.93 -3.28 -26.31
C VAL C 121 -8.44 -2.14 -25.45
N LYS C 122 -8.80 -1.01 -26.05
CA LYS C 122 -9.20 0.09 -25.19
C LYS C 122 -10.64 0.00 -24.69
N GLY D 4 25.71 11.71 -5.38
CA GLY D 4 24.58 11.84 -4.40
C GLY D 4 23.90 10.49 -4.44
N ILE D 5 23.03 10.30 -5.43
CA ILE D 5 22.39 9.00 -5.56
C ILE D 5 23.31 7.87 -5.93
N THR D 6 24.23 8.13 -6.86
CA THR D 6 25.16 7.13 -7.34
C THR D 6 25.99 6.67 -6.16
N GLY D 7 26.10 5.35 -5.97
CA GLY D 7 26.85 4.82 -4.87
C GLY D 7 26.40 3.47 -4.35
N THR D 8 26.95 3.09 -3.20
CA THR D 8 26.57 1.86 -2.56
C THR D 8 25.75 2.16 -1.35
N TRP D 9 24.55 1.60 -1.31
CA TRP D 9 23.59 1.85 -0.25
C TRP D 9 23.22 0.53 0.43
N TYR D 10 22.80 0.60 1.69
CA TYR D 10 22.48 -0.58 2.47
C TYR D 10 21.11 -0.32 3.13
N ASN D 11 20.30 -1.36 3.20
CA ASN D 11 19.04 -1.22 3.94
C ASN D 11 19.24 -1.71 5.36
N GLN D 12 18.18 -1.62 6.15
CA GLN D 12 18.29 -1.93 7.55
C GLN D 12 18.63 -3.39 7.75
N LEU D 13 18.28 -4.21 6.76
CA LEU D 13 18.42 -5.66 6.92
C LEU D 13 19.69 -6.31 6.41
N GLY D 14 20.61 -5.53 5.87
CA GLY D 14 21.81 -6.19 5.38
C GLY D 14 21.95 -6.32 3.88
N SER D 15 20.95 -5.88 3.14
CA SER D 15 21.09 -5.95 1.67
C SER D 15 21.88 -4.76 1.17
N THR D 16 22.49 -4.92 0.02
CA THR D 16 23.26 -3.90 -0.64
C THR D 16 22.64 -3.52 -2.01
N PHE D 17 22.56 -2.22 -2.28
CA PHE D 17 21.97 -1.66 -3.50
C PHE D 17 23.10 -0.84 -4.13
N ILE D 18 23.66 -1.31 -5.23
CA ILE D 18 24.70 -0.56 -5.92
C ILE D 18 24.00 0.13 -7.07
N VAL D 19 24.02 1.44 -7.15
CA VAL D 19 23.30 2.13 -8.20
C VAL D 19 24.10 3.21 -8.89
N THR D 20 23.75 3.43 -10.15
CA THR D 20 24.30 4.55 -10.90
C THR D 20 23.19 5.40 -11.48
N ALA D 21 23.19 6.69 -11.16
CA ALA D 21 22.16 7.58 -11.63
C ALA D 21 22.69 8.32 -12.83
N GLY D 22 22.07 8.15 -14.00
CA GLY D 22 22.61 8.73 -15.23
C GLY D 22 22.03 10.08 -15.50
N ALA D 23 22.66 10.86 -16.39
CA ALA D 23 22.14 12.17 -16.68
C ALA D 23 20.74 12.06 -17.28
N ASP D 24 20.44 10.93 -17.89
CA ASP D 24 19.15 10.80 -18.53
C ASP D 24 17.97 10.45 -17.60
N GLY D 25 18.17 10.44 -16.28
CA GLY D 25 17.16 9.98 -15.33
C GLY D 25 17.09 8.48 -15.13
N ALA D 26 18.05 7.75 -15.66
CA ALA D 26 18.00 6.32 -15.48
C ALA D 26 18.71 5.89 -14.23
N LEU D 27 18.20 4.85 -13.59
CA LEU D 27 18.87 4.18 -12.49
C LEU D 27 19.23 2.78 -13.00
N THR D 28 20.50 2.40 -12.86
CA THR D 28 20.94 1.06 -13.23
C THR D 28 21.82 0.55 -12.09
N GLY D 29 21.77 -0.76 -11.92
CA GLY D 29 22.57 -1.31 -10.83
C GLY D 29 22.28 -2.76 -10.46
N THR D 30 22.75 -3.10 -9.26
CA THR D 30 22.69 -4.49 -8.78
C THR D 30 22.23 -4.49 -7.36
N TYR D 31 21.34 -5.41 -7.02
CA TYR D 31 20.85 -5.58 -5.66
C TYR D 31 21.59 -6.84 -5.20
N ILE D 32 22.09 -6.86 -3.97
CA ILE D 32 22.82 -8.00 -3.47
C ILE D 32 22.25 -8.28 -2.09
N GLY D 33 21.69 -9.48 -2.01
CA GLY D 33 20.98 -9.86 -0.82
C GLY D 33 21.95 -10.08 0.31
N ALA D 34 21.35 -10.29 1.47
CA ALA D 34 22.14 -10.42 2.69
C ALA D 34 23.27 -11.47 2.61
N ARG D 35 23.05 -12.60 1.97
CA ARG D 35 24.07 -13.65 1.86
C ARG D 35 25.35 -13.08 1.25
N GLY D 36 25.22 -12.33 0.17
CA GLY D 36 26.38 -11.72 -0.46
C GLY D 36 27.17 -12.54 -1.47
N ASN D 37 26.70 -13.73 -1.83
CA ASN D 37 27.30 -14.66 -2.78
C ASN D 37 26.82 -14.36 -4.20
N ALA D 38 27.33 -15.06 -5.21
CA ALA D 38 26.95 -14.74 -6.59
C ALA D 38 25.47 -15.00 -6.92
N GLU D 39 24.94 -16.02 -6.26
CA GLU D 39 23.56 -16.36 -6.49
C GLU D 39 22.58 -15.34 -5.92
N SER D 40 23.08 -14.30 -5.26
CA SER D 40 22.08 -13.45 -4.66
C SER D 40 22.17 -12.07 -5.23
N ARG D 41 22.76 -12.00 -6.42
CA ARG D 41 22.91 -10.73 -7.13
C ARG D 41 21.80 -10.70 -8.15
N TYR D 42 21.13 -9.55 -8.27
CA TYR D 42 20.01 -9.36 -9.21
C TYR D 42 20.11 -7.97 -9.81
N VAL D 43 19.65 -7.83 -11.05
CA VAL D 43 19.69 -6.59 -11.77
C VAL D 43 18.53 -5.71 -11.32
N LEU D 44 18.84 -4.43 -11.18
CA LEU D 44 17.82 -3.43 -10.93
C LEU D 44 17.84 -2.35 -11.99
N THR D 45 16.63 -1.87 -12.29
CA THR D 45 16.51 -0.74 -13.16
C THR D 45 15.44 0.22 -12.63
N GLY D 46 15.60 1.50 -12.85
CA GLY D 46 14.61 2.43 -12.33
C GLY D 46 14.79 3.79 -12.97
N ARG D 47 14.16 4.76 -12.36
CA ARG D 47 14.24 6.19 -12.83
C ARG D 47 14.23 7.17 -11.68
N TYR D 48 14.67 8.41 -11.89
CA TYR D 48 14.67 9.34 -10.80
C TYR D 48 14.53 10.73 -11.47
N ASP D 49 14.10 11.67 -10.62
CA ASP D 49 13.96 13.07 -11.07
C ASP D 49 15.33 13.67 -11.21
N SER D 50 15.77 13.90 -12.45
CA SER D 50 17.12 14.42 -12.58
C SER D 50 17.18 15.94 -12.44
N ALA D 51 16.06 16.61 -12.23
CA ALA D 51 16.14 18.04 -11.98
C ALA D 51 15.23 18.41 -10.79
N PRO D 52 15.55 18.01 -9.57
CA PRO D 52 14.62 18.19 -8.42
C PRO D 52 14.49 19.67 -7.99
N ALA D 53 13.48 19.97 -7.18
CA ALA D 53 13.27 21.31 -6.62
C ALA D 53 14.44 21.74 -5.76
N THR D 54 14.67 23.04 -5.62
CA THR D 54 15.76 23.48 -4.76
C THR D 54 15.22 24.06 -3.48
N ASP D 55 14.04 23.65 -3.05
CA ASP D 55 13.45 24.21 -1.84
C ASP D 55 13.66 23.32 -0.61
N GLY D 56 14.61 22.39 -0.69
CA GLY D 56 14.77 21.48 0.42
C GLY D 56 14.04 20.14 0.23
N SER D 57 13.23 20.00 -0.81
CA SER D 57 12.49 18.75 -1.08
C SER D 57 13.43 17.62 -1.52
N GLY D 58 13.02 16.38 -1.31
CA GLY D 58 13.81 15.27 -1.79
C GLY D 58 13.67 15.02 -3.27
N THR D 59 14.40 14.03 -3.75
CA THR D 59 14.42 13.70 -5.14
C THR D 59 13.64 12.40 -5.30
N ALA D 60 12.55 12.47 -6.03
CA ALA D 60 11.76 11.26 -6.23
C ALA D 60 12.42 10.21 -7.11
N LEU D 61 12.19 8.95 -6.78
CA LEU D 61 12.76 7.87 -7.60
C LEU D 61 12.03 6.56 -7.36
N GLY D 62 12.32 5.62 -8.22
CA GLY D 62 11.81 4.27 -8.03
C GLY D 62 12.66 3.27 -8.81
N TRP D 63 12.62 1.99 -8.41
CA TRP D 63 13.31 0.99 -9.18
C TRP D 63 12.65 -0.38 -9.00
N THR D 64 13.00 -1.33 -9.86
CA THR D 64 12.37 -2.66 -9.83
C THR D 64 13.46 -3.68 -9.85
N VAL D 65 13.26 -4.75 -9.08
CA VAL D 65 14.09 -5.95 -9.25
C VAL D 65 13.09 -7.08 -9.55
N ALA D 66 13.31 -7.86 -10.62
CA ALA D 66 12.62 -9.14 -10.88
C ALA D 66 13.58 -10.18 -10.23
N TRP D 67 13.04 -11.08 -9.40
CA TRP D 67 13.82 -12.03 -8.59
C TRP D 67 14.21 -13.28 -9.36
N LYS D 68 14.71 -13.07 -10.55
CA LYS D 68 15.32 -14.15 -11.32
C LYS D 68 16.75 -13.79 -11.68
N ASN D 69 17.77 -14.66 -11.48
CA ASN D 69 19.11 -14.43 -11.94
C ASN D 69 19.52 -15.77 -12.59
N ASN D 70 20.81 -16.03 -12.80
CA ASN D 70 21.20 -17.24 -13.51
C ASN D 70 21.10 -18.50 -12.69
N TYR D 71 20.91 -18.36 -11.39
CA TYR D 71 20.87 -19.44 -10.44
C TYR D 71 19.49 -19.77 -9.89
N ARG D 72 18.61 -18.76 -9.87
CA ARG D 72 17.32 -19.08 -9.30
C ARG D 72 16.27 -18.07 -9.74
N ASN D 73 15.07 -18.50 -9.46
CA ASN D 73 13.86 -17.74 -9.81
C ASN D 73 12.72 -17.90 -8.81
N ALA D 74 12.42 -16.77 -8.21
CA ALA D 74 11.39 -16.70 -7.21
C ALA D 74 10.04 -16.22 -7.79
N HIS D 75 9.92 -16.02 -9.08
CA HIS D 75 8.68 -15.73 -9.76
C HIS D 75 7.95 -14.54 -9.12
N SER D 76 8.71 -13.46 -8.98
CA SER D 76 8.17 -12.25 -8.37
C SER D 76 9.04 -11.08 -8.74
N ALA D 77 8.49 -9.93 -8.43
CA ALA D 77 9.26 -8.70 -8.64
C ALA D 77 8.92 -7.72 -7.54
N THR D 78 9.88 -6.89 -7.16
CA THR D 78 9.64 -5.88 -6.19
C THR D 78 9.92 -4.47 -6.78
N THR D 79 9.03 -3.56 -6.44
CA THR D 79 9.26 -2.15 -6.81
C THR D 79 9.37 -1.35 -5.54
N TRP D 80 10.33 -0.45 -5.55
CA TRP D 80 10.57 0.50 -4.46
C TRP D 80 10.26 1.91 -4.96
N SER D 81 9.42 2.62 -4.21
CA SER D 81 9.06 4.00 -4.53
C SER D 81 9.46 4.89 -3.37
N GLY D 82 10.17 6.00 -3.63
CA GLY D 82 10.57 6.84 -2.54
C GLY D 82 11.33 8.11 -2.96
N GLN D 83 12.08 8.64 -2.01
CA GLN D 83 12.89 9.80 -2.31
C GLN D 83 14.21 9.76 -1.62
N TYR D 84 15.16 10.41 -2.29
CA TYR D 84 16.53 10.55 -1.75
C TYR D 84 16.53 11.91 -1.06
N VAL D 85 17.07 11.96 0.14
CA VAL D 85 17.19 13.18 0.95
C VAL D 85 18.70 13.29 1.16
N GLY D 86 19.31 14.30 0.57
CA GLY D 86 20.74 14.45 0.69
C GLY D 86 21.13 15.20 1.94
N GLY D 87 22.45 15.45 2.00
CA GLY D 87 23.07 16.20 3.08
C GLY D 87 23.90 15.30 3.95
N ALA D 88 24.03 15.72 5.21
CA ALA D 88 24.73 14.95 6.22
C ALA D 88 23.81 13.80 6.60
N GLU D 89 24.22 12.59 6.26
CA GLU D 89 23.42 11.42 6.60
C GLU D 89 22.39 11.26 5.48
N ALA D 90 22.89 11.29 4.26
CA ALA D 90 22.02 11.03 3.11
C ALA D 90 21.22 9.73 3.28
N ARG D 91 19.91 9.76 2.99
CA ARG D 91 19.08 8.57 3.08
C ARG D 91 18.15 8.52 1.88
N ILE D 92 17.71 7.30 1.60
CA ILE D 92 16.67 7.06 0.62
C ILE D 92 15.59 6.37 1.45
N ASN D 93 14.46 7.04 1.49
CA ASN D 93 13.27 6.49 2.22
C ASN D 93 12.28 5.91 1.23
N THR D 94 11.89 4.64 1.36
CA THR D 94 11.01 4.06 0.37
C THR D 94 9.89 3.24 1.00
N GLN D 95 8.90 3.02 0.16
CA GLN D 95 7.88 2.00 0.41
C GLN D 95 8.04 1.04 -0.78
N TRP D 96 7.82 -0.24 -0.55
CA TRP D 96 7.91 -1.27 -1.56
C TRP D 96 6.69 -2.16 -1.71
N LEU D 97 6.53 -2.69 -2.91
CA LEU D 97 5.46 -3.67 -3.26
C LEU D 97 6.14 -4.89 -3.83
N LEU D 98 5.94 -6.08 -3.28
CA LEU D 98 6.51 -7.30 -3.79
C LEU D 98 5.32 -8.15 -4.31
N THR D 99 5.24 -8.38 -5.62
CA THR D 99 4.17 -9.17 -6.32
C THR D 99 4.82 -10.46 -6.84
N SER D 100 4.03 -11.51 -6.61
CA SER D 100 4.49 -12.85 -6.93
C SER D 100 3.45 -13.26 -7.94
N GLY D 101 3.89 -14.09 -8.90
CA GLY D 101 3.05 -14.61 -9.95
C GLY D 101 2.15 -15.61 -9.26
N THR D 102 0.87 -15.46 -9.49
CA THR D 102 -0.10 -16.38 -8.89
C THR D 102 -1.18 -16.84 -9.87
N THR D 103 -1.94 -17.89 -9.50
CA THR D 103 -3.11 -18.16 -10.30
C THR D 103 -4.16 -17.07 -9.98
N GLU D 104 -5.18 -16.95 -10.83
CA GLU D 104 -6.22 -15.95 -10.66
C GLU D 104 -6.93 -16.08 -9.32
N ALA D 105 -7.12 -17.31 -8.87
CA ALA D 105 -7.76 -17.59 -7.59
C ALA D 105 -7.02 -17.09 -6.35
N ASN D 106 -5.70 -16.96 -6.48
CA ASN D 106 -4.84 -16.54 -5.39
C ASN D 106 -4.38 -15.11 -5.62
N ALA D 107 -4.93 -14.43 -6.61
CA ALA D 107 -4.42 -13.11 -6.95
C ALA D 107 -4.56 -12.19 -5.74
N TRP D 108 -5.68 -12.33 -5.07
CA TRP D 108 -5.97 -11.37 -3.99
C TRP D 108 -4.88 -11.22 -2.93
N LYS D 109 -4.04 -12.23 -2.81
CA LYS D 109 -2.88 -12.37 -1.94
C LYS D 109 -1.51 -12.37 -2.64
N SER D 110 -1.44 -11.64 -3.75
CA SER D 110 -0.21 -11.62 -4.54
C SER D 110 0.89 -10.60 -4.22
N THR D 111 0.43 -9.55 -3.52
CA THR D 111 1.28 -8.40 -3.20
C THR D 111 1.49 -8.07 -1.72
N LEU D 112 2.73 -8.09 -1.27
CA LEU D 112 3.15 -7.71 0.05
C LEU D 112 3.61 -6.26 -0.03
N VAL D 113 3.44 -5.53 1.05
CA VAL D 113 3.87 -4.12 1.18
C VAL D 113 4.76 -3.93 2.39
N GLY D 114 5.78 -3.05 2.32
CA GLY D 114 6.59 -2.77 3.46
C GLY D 114 7.38 -1.48 3.18
N HIS D 115 8.40 -1.28 3.99
CA HIS D 115 9.13 0.01 3.83
C HIS D 115 10.61 -0.27 4.10
N ASP D 116 11.54 0.46 3.45
CA ASP D 116 12.97 0.28 3.60
C ASP D 116 13.52 1.71 3.72
N THR D 117 14.53 1.87 4.54
CA THR D 117 15.33 3.12 4.57
C THR D 117 16.71 2.63 4.24
N PHE D 118 17.32 3.33 3.27
CA PHE D 118 18.68 3.07 2.81
C PHE D 118 19.66 4.15 3.25
N THR D 119 20.85 3.77 3.70
CA THR D 119 21.90 4.71 4.08
C THR D 119 23.16 4.26 3.39
N LYS D 120 24.17 5.14 3.34
CA LYS D 120 25.47 4.80 2.74
C LYS D 120 26.38 4.09 3.76
N VAL D 121 25.95 3.98 5.00
CA VAL D 121 26.71 3.27 6.00
C VAL D 121 25.99 2.02 6.35
N LYS D 122 26.73 0.94 6.31
CA LYS D 122 26.20 -0.36 6.66
C LYS D 122 26.07 -0.51 8.17
N SER E 3 -4.88 -20.63 2.71
CA SER E 3 -6.36 -20.42 2.73
C SER E 3 -6.79 -19.42 3.81
N HIS E 4 -6.90 -18.15 3.50
CA HIS E 4 -7.40 -17.19 4.47
C HIS E 4 -8.91 -16.92 4.36
N PRO E 5 -9.58 -16.73 5.50
CA PRO E 5 -11.04 -16.50 5.48
C PRO E 5 -11.48 -15.27 4.70
N GLN E 6 -10.68 -14.23 4.53
CA GLN E 6 -11.14 -13.12 3.69
C GLN E 6 -11.41 -13.58 2.24
N PHE E 7 -10.73 -14.65 1.80
CA PHE E 7 -10.86 -15.13 0.43
C PHE E 7 -11.39 -16.57 0.33
N HIS F 4 -3.22 18.46 7.99
CA HIS F 4 -4.05 17.27 8.47
C HIS F 4 -3.79 16.97 9.94
N PRO F 5 -4.86 16.68 10.67
CA PRO F 5 -4.78 16.40 12.11
C PRO F 5 -3.90 15.25 12.51
N GLN F 6 -3.71 14.29 11.63
CA GLN F 6 -2.87 13.17 12.00
C GLN F 6 -1.39 13.56 12.17
N PHE F 7 -1.02 14.63 11.47
CA PHE F 7 0.39 15.01 11.49
C PHE F 7 0.67 16.43 11.93
N GLU F 8 -0.29 17.01 12.61
CA GLU F 8 -0.17 18.40 13.00
C GLU F 8 0.29 18.38 14.43
N HIS G 4 -1.93 16.08 -12.10
CA HIS G 4 -0.69 15.22 -12.31
C HIS G 4 -0.68 14.47 -13.66
N PRO G 5 0.44 14.38 -14.35
CA PRO G 5 0.49 13.71 -15.66
C PRO G 5 0.01 12.28 -15.73
N GLN G 6 0.09 11.53 -14.64
CA GLN G 6 -0.45 10.19 -14.68
C GLN G 6 -1.97 10.14 -14.80
N PHE G 7 -2.60 11.23 -14.35
CA PHE G 7 -4.05 11.31 -14.35
C PHE G 7 -4.64 12.45 -15.18
N GLU G 8 -3.83 13.01 -16.06
CA GLU G 8 -4.25 14.14 -16.90
C GLU G 8 -5.34 13.76 -17.89
N LYS G 9 -6.39 14.55 -18.02
CA LYS G 9 -7.45 14.23 -18.98
C LYS G 9 -7.16 14.99 -20.29
N HIS H 4 12.53 -15.97 0.65
CA HIS H 4 12.61 -15.07 -0.56
C HIS H 4 13.91 -14.33 -0.56
N PRO H 5 14.53 -14.21 -1.73
CA PRO H 5 15.81 -13.53 -1.86
C PRO H 5 15.87 -12.13 -1.22
N GLN H 6 14.82 -11.31 -1.37
CA GLN H 6 14.86 -9.96 -0.81
C GLN H 6 15.18 -9.94 0.69
N PHE H 7 14.80 -11.01 1.36
CA PHE H 7 15.04 -11.11 2.79
C PHE H 7 15.88 -12.27 3.30
N GLU H 8 16.68 -12.90 2.45
CA GLU H 8 17.45 -14.05 2.91
C GLU H 8 18.48 -13.54 3.89
N LYS H 9 18.64 -14.28 4.99
CA LYS H 9 19.64 -13.95 6.00
C LYS H 9 21.05 -14.01 5.40
#